data_6TOJ
#
_entry.id   6TOJ
#
_cell.length_a   66.999
_cell.length_b   66.999
_cell.length_c   166.730
_cell.angle_alpha   90.000
_cell.angle_beta   90.000
_cell.angle_gamma   120.000
#
_symmetry.space_group_name_H-M   'P 61 2 2'
#
loop_
_entity.id
_entity.type
_entity.pdbx_description
1 polymer 'B-cell lymphoma 6 protein'
2 non-polymer 2-chloranyl-4-[[1-methyl-3-(3-methyl-3-oxidanyl-butyl)-2-oxidanylidene-benzimidazol-5-yl]amino]pyridine-3-carbonitrile
3 non-polymer 1,2-ETHANEDIOL
4 water water
#
_entity_poly.entity_id   1
_entity_poly.type   'polypeptide(L)'
_entity_poly.pdbx_seq_one_letter_code
;GPGLDYKDDDDKENLYFQGADSCIQFTRHASDVLLNLNRLRSRDILTDVVIVVSREQFRAHKTVLMACSGLFYSIFTDQL
KCNLSVINLDPEINPEGFCILLDFMYTSRLNLREGNIMAVMATAMYLQMEHVVDTCRKFIKASE
;
_entity_poly.pdbx_strand_id   A
#
# COMPACT_ATOMS: atom_id res chain seq x y z
N ASN A 14 -1.06 -16.65 23.70
CA ASN A 14 -0.06 -17.39 22.95
C ASN A 14 0.09 -16.82 21.55
N LEU A 15 1.33 -16.50 21.18
CA LEU A 15 1.68 -15.89 19.90
C LEU A 15 1.79 -16.90 18.74
N TYR A 16 1.54 -18.20 18.98
CA TYR A 16 1.64 -19.19 17.91
C TYR A 16 0.57 -20.30 18.01
N PHE A 17 0.44 -21.05 16.92
CA PHE A 17 -0.52 -22.16 16.86
C PHE A 17 -0.07 -23.22 15.86
N GLN A 18 -0.71 -24.38 15.91
N GLN A 18 -0.69 -24.40 15.91
CA GLN A 18 -0.42 -25.47 14.97
CA GLN A 18 -0.37 -25.45 14.95
C GLN A 18 -1.14 -25.13 13.67
C GLN A 18 -1.12 -25.10 13.68
N GLY A 19 -0.38 -24.82 12.63
CA GLY A 19 -0.95 -24.47 11.33
C GLY A 19 -1.59 -25.70 10.71
N ALA A 20 -2.43 -25.50 9.67
CA ALA A 20 -3.08 -26.61 8.96
C ALA A 20 -2.07 -27.62 8.35
N ASP A 21 -0.83 -27.16 8.08
N ASP A 21 -0.90 -27.09 7.91
CA ASP A 21 0.25 -28.02 7.59
CA ASP A 21 0.19 -27.83 7.27
C ASP A 21 0.98 -28.64 8.81
C ASP A 21 1.22 -28.37 8.30
N SER A 22 2.31 -28.84 8.72
N SER A 22 0.80 -28.47 9.58
CA SER A 22 3.10 -29.37 9.85
CA SER A 22 1.56 -28.97 10.74
C SER A 22 3.56 -28.22 10.76
C SER A 22 2.78 -28.08 11.13
N CYS A 23 4.04 -27.12 10.16
N CYS A 23 2.96 -26.93 10.47
CA CYS A 23 4.58 -25.92 10.80
CA CYS A 23 4.03 -25.97 10.80
C CYS A 23 3.74 -25.34 11.95
C CYS A 23 3.53 -25.15 11.99
N ILE A 24 4.42 -24.55 12.78
CA ILE A 24 3.86 -23.82 13.89
C ILE A 24 3.78 -22.41 13.25
N GLN A 25 2.67 -21.73 13.42
CA GLN A 25 2.43 -20.47 12.74
C GLN A 25 2.30 -19.37 13.78
N PHE A 26 2.86 -18.18 13.50
CA PHE A 26 2.85 -17.06 14.41
C PHE A 26 1.77 -16.10 13.97
N THR A 27 0.74 -16.01 14.79
CA THR A 27 -0.47 -15.23 14.56
C THR A 27 -0.22 -13.79 14.12
N ARG A 28 0.67 -13.08 14.81
CA ARG A 28 0.90 -11.63 14.61
C ARG A 28 2.11 -11.32 13.75
N HIS A 29 2.84 -12.34 13.30
CA HIS A 29 4.09 -12.10 12.55
C HIS A 29 3.95 -11.17 11.38
N ALA A 30 2.98 -11.42 10.47
CA ALA A 30 2.84 -10.56 9.28
C ALA A 30 2.53 -9.10 9.66
N SER A 31 1.68 -8.88 10.66
N SER A 31 1.68 -8.89 10.67
CA SER A 31 1.34 -7.52 11.12
CA SER A 31 1.33 -7.54 11.16
C SER A 31 2.55 -6.87 11.80
C SER A 31 2.53 -6.87 11.81
N ASP A 32 3.36 -7.66 12.52
CA ASP A 32 4.55 -7.15 13.20
C ASP A 32 5.59 -6.76 12.16
N VAL A 33 5.71 -7.55 11.08
CA VAL A 33 6.65 -7.24 9.99
C VAL A 33 6.21 -5.92 9.34
N LEU A 34 4.91 -5.80 9.04
CA LEU A 34 4.36 -4.60 8.39
C LEU A 34 4.55 -3.36 9.25
N LEU A 35 4.39 -3.51 10.58
CA LEU A 35 4.61 -2.39 11.51
C LEU A 35 6.09 -1.94 11.41
N ASN A 36 7.02 -2.89 11.35
CA ASN A 36 8.44 -2.54 11.26
C ASN A 36 8.81 -1.92 9.89
N LEU A 37 8.17 -2.37 8.80
CA LEU A 37 8.39 -1.73 7.49
C LEU A 37 7.83 -0.30 7.55
N ASN A 38 6.72 -0.09 8.26
CA ASN A 38 6.18 1.31 8.34
C ASN A 38 7.11 2.18 9.23
N ARG A 39 7.75 1.57 10.26
CA ARG A 39 8.71 2.28 11.11
C ARG A 39 9.92 2.69 10.26
N LEU A 40 10.43 1.77 9.41
CA LEU A 40 11.52 2.09 8.45
C LEU A 40 11.12 3.23 7.55
N ARG A 41 9.91 3.19 6.99
CA ARG A 41 9.43 4.29 6.15
C ARG A 41 9.42 5.62 6.90
N SER A 42 8.84 5.65 8.13
N SER A 42 8.83 5.67 8.12
N SER A 42 8.84 5.65 8.12
CA SER A 42 8.76 6.85 8.98
CA SER A 42 8.75 6.89 8.94
CA SER A 42 8.75 6.85 8.97
C SER A 42 10.14 7.45 9.19
C SER A 42 10.14 7.46 9.25
C SER A 42 10.12 7.44 9.28
N ARG A 43 11.14 6.58 9.38
CA ARG A 43 12.52 6.96 9.65
C ARG A 43 13.34 7.15 8.37
N ASP A 44 12.72 6.91 7.20
CA ASP A 44 13.38 7.02 5.88
C ASP A 44 14.59 6.08 5.75
N ILE A 45 14.45 4.87 6.30
CA ILE A 45 15.51 3.87 6.29
C ILE A 45 15.26 2.89 5.15
N LEU A 46 16.26 2.72 4.26
CA LEU A 46 16.26 1.80 3.12
C LEU A 46 15.15 2.10 2.10
N THR A 47 14.52 3.30 2.17
CA THR A 47 13.56 3.73 1.14
C THR A 47 14.38 3.86 -0.16
N ASP A 48 13.79 3.45 -1.27
CA ASP A 48 14.54 3.39 -2.51
C ASP A 48 13.80 4.00 -3.67
N VAL A 49 12.69 4.71 -3.39
CA VAL A 49 11.95 5.38 -4.44
C VAL A 49 11.24 6.60 -3.85
N VAL A 50 11.09 7.63 -4.67
CA VAL A 50 10.26 8.79 -4.34
C VAL A 50 9.11 8.75 -5.35
N ILE A 51 7.87 8.82 -4.85
CA ILE A 51 6.67 8.92 -5.68
C ILE A 51 6.26 10.38 -5.71
N VAL A 52 6.19 10.96 -6.89
CA VAL A 52 5.83 12.36 -7.06
C VAL A 52 4.37 12.46 -7.53
N VAL A 53 3.55 13.21 -6.76
CA VAL A 53 2.12 13.39 -7.01
C VAL A 53 1.88 14.89 -6.96
N SER A 54 1.77 15.50 -8.15
CA SER A 54 1.67 16.95 -8.35
C SER A 54 2.94 17.55 -7.69
N ARG A 55 2.77 18.46 -6.70
N ARG A 55 2.80 18.42 -6.71
CA ARG A 55 3.87 19.11 -5.99
CA ARG A 55 3.97 19.01 -6.05
C ARG A 55 4.23 18.45 -4.64
C ARG A 55 4.62 18.04 -5.06
N GLU A 56 3.80 17.19 -4.44
CA GLU A 56 4.10 16.35 -3.27
C GLU A 56 4.95 15.13 -3.58
N GLN A 57 5.86 14.82 -2.66
CA GLN A 57 6.81 13.72 -2.79
C GLN A 57 6.58 12.76 -1.65
N PHE A 58 6.63 11.47 -1.92
CA PHE A 58 6.41 10.44 -0.90
C PHE A 58 7.50 9.41 -1.02
N ARG A 59 8.30 9.22 0.03
CA ARG A 59 9.34 8.18 0.01
C ARG A 59 8.77 6.82 0.42
N ALA A 60 9.22 5.74 -0.23
CA ALA A 60 8.67 4.42 0.07
C ALA A 60 9.68 3.34 -0.28
N HIS A 61 9.31 2.08 -0.06
CA HIS A 61 10.11 0.91 -0.42
C HIS A 61 9.38 0.29 -1.61
N LYS A 62 10.10 0.11 -2.72
CA LYS A 62 9.52 -0.46 -3.95
C LYS A 62 8.82 -1.79 -3.69
N THR A 63 9.41 -2.67 -2.85
CA THR A 63 8.82 -4.00 -2.57
C THR A 63 7.43 -3.91 -1.94
N VAL A 64 7.23 -2.95 -1.01
CA VAL A 64 5.91 -2.72 -0.39
C VAL A 64 4.92 -2.22 -1.46
N LEU A 65 5.36 -1.25 -2.27
CA LEU A 65 4.48 -0.70 -3.34
C LEU A 65 4.03 -1.79 -4.31
N MET A 66 4.96 -2.66 -4.73
CA MET A 66 4.67 -3.76 -5.68
C MET A 66 3.73 -4.78 -5.05
N ALA A 67 3.91 -5.06 -3.75
CA ALA A 67 3.08 -6.06 -3.03
C ALA A 67 1.63 -5.59 -2.95
N CYS A 68 1.41 -4.26 -2.96
CA CYS A 68 0.07 -3.69 -2.75
C CYS A 68 -0.64 -3.18 -3.97
N SER A 69 0.06 -3.03 -5.12
CA SER A 69 -0.53 -2.33 -6.25
C SER A 69 -0.12 -2.95 -7.58
N GLY A 70 -1.09 -3.23 -8.45
CA GLY A 70 -0.83 -3.77 -9.79
C GLY A 70 0.01 -2.83 -10.63
N LEU A 71 -0.22 -1.50 -10.49
CA LEU A 71 0.57 -0.52 -11.25
C LEU A 71 2.02 -0.54 -10.81
N PHE A 72 2.30 -0.43 -9.49
CA PHE A 72 3.69 -0.49 -9.02
C PHE A 72 4.34 -1.82 -9.31
N TYR A 73 3.57 -2.91 -9.25
CA TYR A 73 4.10 -4.23 -9.62
C TYR A 73 4.57 -4.21 -11.10
N SER A 74 3.73 -3.69 -12.01
CA SER A 74 4.07 -3.59 -13.42
C SER A 74 5.29 -2.70 -13.64
N ILE A 75 5.37 -1.56 -12.95
CA ILE A 75 6.49 -0.62 -13.09
C ILE A 75 7.83 -1.24 -12.65
N PHE A 76 7.86 -1.76 -11.41
CA PHE A 76 9.11 -2.21 -10.83
C PHE A 76 9.56 -3.60 -11.31
N THR A 77 8.74 -4.30 -12.14
CA THR A 77 9.19 -5.57 -12.79
C THR A 77 9.57 -5.27 -14.25
N ASP A 78 9.47 -4.00 -14.67
CA ASP A 78 9.88 -3.59 -16.00
C ASP A 78 11.40 -3.41 -15.99
N GLN A 79 12.10 -4.08 -16.92
CA GLN A 79 13.57 -4.06 -17.01
C GLN A 79 14.16 -2.65 -17.12
N LEU A 80 13.41 -1.72 -17.73
CA LEU A 80 13.88 -0.35 -17.85
C LEU A 80 13.53 0.48 -16.60
N LYS A 81 12.27 0.39 -16.13
CA LYS A 81 11.73 1.18 -15.03
C LYS A 81 12.11 0.72 -13.63
N CYS A 82 12.47 -0.56 -13.45
CA CYS A 82 12.86 -1.08 -12.11
C CYS A 82 14.00 -0.31 -11.44
N ASN A 83 14.81 0.40 -12.27
N ASN A 83 14.82 0.37 -12.23
CA ASN A 83 16.02 1.18 -11.94
CA ASN A 83 15.97 1.11 -11.75
C ASN A 83 15.79 2.70 -11.72
C ASN A 83 15.64 2.51 -11.23
N LEU A 84 14.53 3.11 -11.74
CA LEU A 84 14.13 4.50 -11.47
C LEU A 84 13.99 4.75 -9.96
N SER A 85 14.59 5.85 -9.50
CA SER A 85 14.60 6.29 -8.11
C SER A 85 13.42 7.24 -7.89
N VAL A 86 12.88 7.78 -8.98
CA VAL A 86 11.77 8.74 -8.97
C VAL A 86 10.67 8.26 -9.93
N ILE A 87 9.42 8.23 -9.46
CA ILE A 87 8.26 7.84 -10.28
C ILE A 87 7.23 8.98 -10.21
N ASN A 88 6.88 9.53 -11.37
CA ASN A 88 5.86 10.57 -11.39
C ASN A 88 4.53 9.95 -11.73
N LEU A 89 3.52 10.22 -10.92
CA LEU A 89 2.17 9.71 -11.21
C LEU A 89 1.44 10.75 -12.02
N ASP A 90 0.31 10.35 -12.64
CA ASP A 90 -0.59 11.22 -13.40
C ASP A 90 -0.87 12.49 -12.56
N PRO A 91 -0.66 13.72 -13.10
CA PRO A 91 -0.91 14.93 -12.29
C PRO A 91 -2.36 15.13 -11.87
N GLU A 92 -3.28 14.32 -12.40
CA GLU A 92 -4.69 14.37 -12.03
C GLU A 92 -4.90 13.63 -10.70
N ILE A 93 -3.90 12.86 -10.23
CA ILE A 93 -4.01 12.12 -8.98
C ILE A 93 -3.96 13.08 -7.82
N ASN A 94 -4.92 12.92 -6.90
CA ASN A 94 -5.05 13.75 -5.72
C ASN A 94 -3.99 13.30 -4.68
N PRO A 95 -3.07 14.20 -4.27
CA PRO A 95 -2.03 13.80 -3.27
C PRO A 95 -2.58 13.23 -1.96
N GLU A 96 -3.68 13.81 -1.43
CA GLU A 96 -4.26 13.27 -0.18
C GLU A 96 -4.75 11.82 -0.39
N GLY A 97 -5.41 11.56 -1.53
CA GLY A 97 -5.85 10.21 -1.89
C GLY A 97 -4.67 9.28 -1.96
N PHE A 98 -3.55 9.75 -2.56
CA PHE A 98 -2.34 8.92 -2.61
C PHE A 98 -1.79 8.64 -1.20
N CYS A 99 -1.70 9.68 -0.37
CA CYS A 99 -1.22 9.55 1.02
C CYS A 99 -2.02 8.52 1.83
N ILE A 100 -3.36 8.58 1.72
CA ILE A 100 -4.26 7.64 2.43
C ILE A 100 -3.96 6.20 1.95
N LEU A 101 -3.73 6.03 0.64
CA LEU A 101 -3.45 4.69 0.12
C LEU A 101 -2.06 4.21 0.50
N LEU A 102 -1.05 5.10 0.50
CA LEU A 102 0.30 4.71 0.93
C LEU A 102 0.26 4.30 2.42
N ASP A 103 -0.46 5.06 3.25
CA ASP A 103 -0.62 4.70 4.68
C ASP A 103 -1.26 3.34 4.85
N PHE A 104 -2.33 3.09 4.07
CA PHE A 104 -3.03 1.79 4.04
C PHE A 104 -2.03 0.67 3.69
N MET A 105 -1.21 0.88 2.63
CA MET A 105 -0.26 -0.16 2.23
C MET A 105 0.60 -0.62 3.40
N TYR A 106 1.06 0.33 4.21
CA TYR A 106 1.96 0.03 5.32
C TYR A 106 1.28 -0.25 6.64
N THR A 107 -0.07 -0.18 6.68
CA THR A 107 -0.73 -0.39 7.99
C THR A 107 -1.92 -1.32 7.99
N SER A 108 -2.54 -1.59 6.82
CA SER A 108 -3.82 -2.34 6.69
C SER A 108 -5.02 -1.44 7.04
N ARG A 109 -4.76 -0.18 7.37
N ARG A 109 -4.77 -0.19 7.43
CA ARG A 109 -5.80 0.75 7.80
CA ARG A 109 -5.81 0.76 7.84
C ARG A 109 -6.07 1.78 6.76
C ARG A 109 -6.09 1.80 6.78
N LEU A 110 -7.35 1.87 6.34
CA LEU A 110 -7.82 2.78 5.30
C LEU A 110 -8.69 3.88 5.88
N ASN A 111 -8.20 5.13 5.81
CA ASN A 111 -8.91 6.27 6.37
C ASN A 111 -9.94 6.81 5.37
N LEU A 112 -11.01 6.04 5.14
CA LEU A 112 -12.06 6.40 4.19
C LEU A 112 -13.05 7.34 4.86
N ARG A 113 -13.30 8.49 4.21
CA ARG A 113 -14.22 9.52 4.71
C ARG A 113 -15.08 10.04 3.58
N GLU A 114 -16.21 10.68 3.91
CA GLU A 114 -17.09 11.24 2.88
C GLU A 114 -16.32 12.18 1.92
N GLY A 115 -15.50 13.05 2.50
CA GLY A 115 -14.70 14.03 1.79
C GLY A 115 -13.53 13.50 0.98
N ASN A 116 -13.13 12.25 1.20
CA ASN A 116 -12.01 11.73 0.43
C ASN A 116 -12.31 10.48 -0.40
N ILE A 117 -13.47 9.82 -0.18
CA ILE A 117 -13.77 8.52 -0.85
C ILE A 117 -13.65 8.60 -2.39
N MET A 118 -14.11 9.67 -3.02
CA MET A 118 -14.01 9.77 -4.50
C MET A 118 -12.57 9.81 -4.97
N ALA A 119 -11.71 10.61 -4.31
CA ALA A 119 -10.28 10.70 -4.63
C ALA A 119 -9.59 9.38 -4.31
N VAL A 120 -9.95 8.74 -3.18
CA VAL A 120 -9.33 7.46 -2.79
C VAL A 120 -9.65 6.39 -3.83
N MET A 121 -10.93 6.30 -4.24
CA MET A 121 -11.32 5.30 -5.24
C MET A 121 -10.63 5.55 -6.58
N ALA A 122 -10.64 6.80 -7.08
CA ALA A 122 -9.99 7.13 -8.36
C ALA A 122 -8.49 6.74 -8.32
N THR A 123 -7.79 7.08 -7.22
CA THR A 123 -6.37 6.76 -7.04
C THR A 123 -6.17 5.24 -6.99
N ALA A 124 -7.04 4.52 -6.26
CA ALA A 124 -6.94 3.06 -6.12
C ALA A 124 -7.18 2.37 -7.48
N MET A 125 -8.08 2.92 -8.30
CA MET A 125 -8.31 2.35 -9.66
C MET A 125 -7.03 2.51 -10.49
N TYR A 126 -6.43 3.71 -10.45
CA TYR A 126 -5.21 4.03 -11.17
C TYR A 126 -4.05 3.14 -10.68
N LEU A 127 -3.94 2.93 -9.37
CA LEU A 127 -2.86 2.10 -8.81
C LEU A 127 -3.13 0.61 -8.95
N GLN A 128 -4.34 0.24 -9.38
CA GLN A 128 -4.78 -1.17 -9.48
C GLN A 128 -4.75 -1.87 -8.11
N MET A 129 -5.49 -1.28 -7.18
CA MET A 129 -5.57 -1.81 -5.80
C MET A 129 -6.99 -2.32 -5.71
N GLU A 130 -7.22 -3.55 -6.19
CA GLU A 130 -8.54 -4.16 -6.35
C GLU A 130 -9.39 -4.15 -5.11
N HIS A 131 -8.86 -4.64 -3.96
CA HIS A 131 -9.62 -4.69 -2.71
C HIS A 131 -10.11 -3.33 -2.25
N VAL A 132 -9.25 -2.31 -2.35
CA VAL A 132 -9.65 -0.95 -1.99
C VAL A 132 -10.75 -0.41 -2.91
N VAL A 133 -10.59 -0.63 -4.24
CA VAL A 133 -11.61 -0.18 -5.21
C VAL A 133 -12.97 -0.78 -4.86
N ASP A 134 -13.00 -2.12 -4.65
CA ASP A 134 -14.22 -2.88 -4.32
C ASP A 134 -14.85 -2.31 -3.06
N THR A 135 -14.04 -2.02 -2.04
CA THR A 135 -14.49 -1.48 -0.76
C THR A 135 -15.10 -0.09 -0.94
N CYS A 136 -14.45 0.78 -1.75
CA CYS A 136 -14.97 2.13 -2.03
C CYS A 136 -16.31 2.04 -2.71
N ARG A 137 -16.47 1.12 -3.68
N ARG A 137 -16.46 1.13 -3.69
CA ARG A 137 -17.71 0.92 -4.43
CA ARG A 137 -17.71 0.92 -4.44
C ARG A 137 -18.83 0.53 -3.48
C ARG A 137 -18.84 0.49 -3.52
N LYS A 138 -18.54 -0.38 -2.54
CA LYS A 138 -19.52 -0.85 -1.54
C LYS A 138 -19.98 0.28 -0.60
N PHE A 139 -19.04 1.12 -0.12
CA PHE A 139 -19.37 2.27 0.73
C PHE A 139 -20.18 3.33 -0.02
N ILE A 140 -19.88 3.56 -1.33
CA ILE A 140 -20.63 4.51 -2.18
C ILE A 140 -22.06 3.99 -2.40
N LYS A 141 -22.19 2.67 -2.72
CA LYS A 141 -23.47 1.98 -2.93
C LYS A 141 -24.40 2.10 -1.69
N ALA A 142 -23.82 2.09 -0.47
CA ALA A 142 -24.52 2.22 0.82
C ALA A 142 -25.22 3.58 1.01
N SER A 143 -24.86 4.61 0.21
CA SER A 143 -25.47 5.95 0.23
C SER A 143 -26.48 6.12 -0.92
N GLU A 144 -26.23 5.44 -2.06
CA GLU A 144 -27.10 5.48 -3.24
#